data_2IXV
#
_entry.id   2IXV
#
_cell.length_a   79.965
_cell.length_b   96.443
_cell.length_c   127.073
_cell.angle_alpha   90.00
_cell.angle_beta   90.00
_cell.angle_gamma   90.00
#
_symmetry.space_group_name_H-M   'C 2 2 21'
#
loop_
_entity.id
_entity.type
_entity.pdbx_description
1 polymer LYSOZYME
2 branched '2-acetamido-2-deoxy-beta-D-glucopyranose-(1-4)-N-acetyl-alpha-muramic acid'
3 non-polymer 'FORMIC ACID'
4 non-polymer ALANINE
5 non-polymer D-GLUTAMINE
6 water water
#
_entity_poly.entity_id   1
_entity_poly.type   'polypeptide(L)'
_entity_poly.pdbx_seq_one_letter_code
;MVKKNDLFVDVSSHNGYDITGILEQMGTTNTIIKISESTTYLNPCLSAQVEQSNPIGFYHFARFGGDVAEAEREAQFFLD
NVPMQVKYLVLDYQDDPSGDAQANTNACLRFMQMIADAGYKPIYYSYKPFTHDNVDYQQILAQFPNSLWIAGYGLNDGTA
NFEYFPSMDGIRWWQYSSNPFDKNIVLLDDEEDDKPKTAGTWKQDSKGWWFRRNNGSFPYNKWEKIGGVWYYFDSKGYCL
TSEWLKDNEKWYYLKDNGAMATGWVLVGSEWYYMDDSGAMVTGWVKYKNNWYYMTNERGNMVSNEFIKSGKGWYFMNTNG
ELADNPSFTKEPDGLITVA
;
_entity_poly.pdbx_strand_id   A
#
loop_
_chem_comp.id
_chem_comp.type
_chem_comp.name
_chem_comp.formula
FMT non-polymer 'FORMIC ACID' 'C H2 O2'
MUB D-saccharide, alpha linking 'N-acetyl-alpha-muramic acid' 'C11 H19 N O8'
NAG D-saccharide, beta linking 2-acetamido-2-deoxy-beta-D-glucopyranose 'C8 H15 N O6'
#
# COMPACT_ATOMS: atom_id res chain seq x y z
N VAL A 2 0.55 -5.49 -4.72
CA VAL A 2 0.57 -4.00 -4.60
C VAL A 2 1.61 -3.57 -3.59
N LYS A 3 2.08 -2.34 -3.74
CA LYS A 3 3.11 -1.78 -2.86
C LYS A 3 2.60 -0.51 -2.18
N LYS A 4 3.33 -0.04 -1.18
CA LYS A 4 2.98 1.17 -0.47
C LYS A 4 2.59 2.27 -1.46
N ASN A 5 1.53 3.00 -1.12
CA ASN A 5 1.04 4.12 -1.91
C ASN A 5 0.32 3.74 -3.21
N ASP A 6 0.24 2.44 -3.51
CA ASP A 6 -0.50 2.03 -4.69
C ASP A 6 -1.95 2.36 -4.37
N LEU A 7 -2.80 2.42 -5.39
CA LEU A 7 -4.22 2.73 -5.18
C LEU A 7 -5.10 1.60 -5.69
N PHE A 8 -6.31 1.53 -5.16
CA PHE A 8 -7.28 0.53 -5.62
C PHE A 8 -8.68 1.00 -5.26
N VAL A 9 -9.66 0.51 -6.01
CA VAL A 9 -11.05 0.89 -5.80
C VAL A 9 -11.82 -0.35 -5.35
N ASP A 10 -12.84 -0.19 -4.51
CA ASP A 10 -13.64 -1.36 -4.15
C ASP A 10 -15.05 -1.07 -4.66
N VAL A 11 -15.69 -2.10 -5.20
CA VAL A 11 -17.04 -1.96 -5.75
C VAL A 11 -18.00 -3.07 -5.33
N SER A 12 -19.29 -2.80 -5.52
CA SER A 12 -20.37 -3.75 -5.21
C SER A 12 -21.46 -3.48 -6.25
N SER A 13 -22.65 -4.03 -6.05
CA SER A 13 -23.71 -3.79 -7.04
C SER A 13 -24.06 -2.30 -7.09
N HIS A 14 -23.67 -1.57 -6.05
CA HIS A 14 -23.93 -0.14 -5.96
C HIS A 14 -23.23 0.61 -7.09
N ASN A 15 -22.25 -0.04 -7.71
CA ASN A 15 -21.47 0.54 -8.81
C ASN A 15 -21.87 0.05 -10.19
N GLY A 16 -22.85 -0.86 -10.24
CA GLY A 16 -23.34 -1.34 -11.52
C GLY A 16 -22.46 -2.28 -12.34
N TYR A 17 -22.91 -2.57 -13.56
CA TYR A 17 -22.20 -3.48 -14.45
C TYR A 17 -21.11 -2.88 -15.32
N ASP A 18 -20.89 -1.58 -15.19
CA ASP A 18 -19.82 -0.93 -15.95
C ASP A 18 -19.03 -0.03 -15.02
N ILE A 19 -17.82 -0.45 -14.69
CA ILE A 19 -16.99 0.33 -13.79
C ILE A 19 -15.76 0.91 -14.50
N THR A 20 -15.77 0.88 -15.82
CA THR A 20 -14.65 1.40 -16.59
C THR A 20 -14.41 2.87 -16.25
N GLY A 21 -15.49 3.63 -16.11
CA GLY A 21 -15.37 5.03 -15.78
C GLY A 21 -14.65 5.34 -14.48
N ILE A 22 -15.13 4.76 -13.38
CA ILE A 22 -14.47 5.03 -12.10
C ILE A 22 -13.02 4.59 -12.09
N LEU A 23 -12.69 3.54 -12.84
CA LEU A 23 -11.31 3.06 -12.88
C LEU A 23 -10.43 4.04 -13.65
N GLU A 24 -11.01 4.67 -14.67
CA GLU A 24 -10.27 5.64 -15.47
C GLU A 24 -10.04 6.89 -14.62
N GLN A 25 -11.06 7.29 -13.88
CA GLN A 25 -10.95 8.46 -13.02
C GLN A 25 -9.89 8.24 -11.96
N MET A 26 -9.94 7.06 -11.35
CA MET A 26 -8.99 6.71 -10.29
C MET A 26 -7.57 6.57 -10.83
N GLY A 27 -7.46 6.06 -12.06
CA GLY A 27 -6.15 5.89 -12.65
C GLY A 27 -5.55 4.53 -12.37
N THR A 28 -6.38 3.56 -12.01
CA THR A 28 -5.92 2.21 -11.72
C THR A 28 -7.00 1.19 -12.02
N THR A 29 -6.60 -0.05 -12.26
CA THR A 29 -7.56 -1.12 -12.51
C THR A 29 -7.59 -2.07 -11.30
N ASN A 30 -6.82 -1.73 -10.26
CA ASN A 30 -6.78 -2.54 -9.05
C ASN A 30 -8.13 -2.44 -8.35
N THR A 31 -8.76 -3.58 -8.08
CA THR A 31 -10.06 -3.58 -7.44
C THR A 31 -10.20 -4.66 -6.37
N ILE A 32 -11.19 -4.47 -5.49
CA ILE A 32 -11.56 -5.45 -4.48
C ILE A 32 -13.06 -5.42 -4.68
N ILE A 33 -13.59 -6.54 -5.15
CA ILE A 33 -15.01 -6.63 -5.47
C ILE A 33 -15.84 -7.43 -4.49
N LYS A 34 -17.02 -6.92 -4.18
CA LYS A 34 -17.91 -7.60 -3.26
C LYS A 34 -18.42 -8.88 -3.93
N ILE A 35 -18.39 -9.98 -3.19
CA ILE A 35 -18.89 -11.22 -3.72
C ILE A 35 -20.22 -11.58 -3.08
N SER A 36 -20.23 -11.57 -1.75
CA SER A 36 -21.41 -11.99 -1.02
C SER A 36 -21.77 -11.20 0.23
N GLU A 37 -22.89 -11.61 0.83
CA GLU A 37 -23.43 -11.01 2.05
C GLU A 37 -24.30 -12.08 2.71
N SER A 38 -24.19 -12.22 4.02
CA SER A 38 -24.95 -13.25 4.73
C SER A 38 -24.60 -14.61 4.09
N THR A 39 -25.58 -15.51 3.96
CA THR A 39 -25.33 -16.82 3.37
C THR A 39 -26.15 -17.05 2.12
N THR A 40 -26.83 -16.00 1.65
CA THR A 40 -27.74 -16.13 0.51
C THR A 40 -27.66 -15.06 -0.57
N TYR A 41 -26.89 -13.99 -0.33
CA TYR A 41 -26.79 -12.91 -1.31
C TYR A 41 -25.50 -12.87 -2.11
N LEU A 42 -25.62 -12.69 -3.42
CA LEU A 42 -24.46 -12.58 -4.30
C LEU A 42 -24.57 -11.31 -5.14
N ASN A 43 -23.47 -10.54 -5.18
CA ASN A 43 -23.41 -9.32 -5.97
C ASN A 43 -23.51 -9.75 -7.44
N PRO A 44 -24.61 -9.38 -8.12
CA PRO A 44 -24.76 -9.78 -9.52
C PRO A 44 -23.83 -9.14 -10.53
N CYS A 45 -23.10 -8.11 -10.10
CA CYS A 45 -22.18 -7.40 -11.00
C CYS A 45 -20.78 -7.98 -10.95
N LEU A 46 -20.58 -9.01 -10.13
CA LEU A 46 -19.27 -9.64 -9.96
C LEU A 46 -18.51 -9.99 -11.24
N SER A 47 -19.11 -10.81 -12.10
CA SER A 47 -18.43 -11.21 -13.33
C SER A 47 -18.01 -10.02 -14.19
N ALA A 48 -18.92 -9.05 -14.34
CA ALA A 48 -18.64 -7.86 -15.13
C ALA A 48 -17.51 -7.05 -14.52
N GLN A 49 -17.61 -6.77 -13.22
CA GLN A 49 -16.59 -5.99 -12.54
C GLN A 49 -15.23 -6.69 -12.57
N VAL A 50 -15.22 -8.02 -12.50
CA VAL A 50 -13.95 -8.76 -12.56
C VAL A 50 -13.38 -8.61 -13.98
N GLU A 51 -14.22 -8.87 -14.96
CA GLU A 51 -13.83 -8.79 -16.37
C GLU A 51 -13.19 -7.44 -16.72
N GLN A 52 -13.72 -6.36 -16.16
CA GLN A 52 -13.25 -5.01 -16.42
C GLN A 52 -12.09 -4.50 -15.55
N SER A 53 -11.58 -5.34 -14.65
CA SER A 53 -10.51 -4.87 -13.79
C SER A 53 -9.43 -5.90 -13.48
N ASN A 54 -8.58 -5.56 -12.51
CA ASN A 54 -7.51 -6.43 -12.05
C ASN A 54 -7.72 -6.58 -10.55
N PRO A 55 -8.62 -7.50 -10.15
CA PRO A 55 -8.85 -7.66 -8.72
C PRO A 55 -7.65 -8.13 -7.91
N ILE A 56 -7.46 -7.53 -6.74
CA ILE A 56 -6.38 -7.90 -5.85
C ILE A 56 -7.02 -8.62 -4.66
N GLY A 57 -8.35 -8.67 -4.67
CA GLY A 57 -9.08 -9.33 -3.60
C GLY A 57 -10.59 -9.21 -3.77
N PHE A 58 -11.33 -9.86 -2.87
CA PHE A 58 -12.79 -9.81 -2.88
C PHE A 58 -13.26 -9.61 -1.45
N TYR A 59 -14.47 -9.10 -1.27
CA TYR A 59 -14.96 -8.90 0.08
C TYR A 59 -16.36 -9.44 0.32
N HIS A 60 -16.65 -9.69 1.59
CA HIS A 60 -17.93 -10.23 2.02
C HIS A 60 -18.50 -9.33 3.11
N PHE A 61 -19.78 -8.97 2.98
CA PHE A 61 -20.42 -8.11 3.96
C PHE A 61 -21.00 -9.02 5.04
N ALA A 62 -20.40 -8.97 6.23
CA ALA A 62 -20.81 -9.81 7.34
C ALA A 62 -22.16 -9.45 7.97
N ARG A 63 -22.93 -10.48 8.31
CA ARG A 63 -24.23 -10.30 8.96
C ARG A 63 -24.33 -11.24 10.16
N PHE A 64 -23.22 -11.89 10.53
CA PHE A 64 -23.21 -12.86 11.62
C PHE A 64 -23.19 -12.34 13.07
N GLY A 65 -22.96 -11.05 13.25
CA GLY A 65 -22.91 -10.48 14.59
C GLY A 65 -21.84 -11.09 15.46
N GLY A 66 -22.25 -11.81 16.51
CA GLY A 66 -21.29 -12.44 17.40
C GLY A 66 -21.46 -13.95 17.39
N ASP A 67 -22.16 -14.46 16.40
CA ASP A 67 -22.44 -15.89 16.25
C ASP A 67 -21.34 -16.59 15.46
N VAL A 68 -20.49 -17.33 16.16
CA VAL A 68 -19.39 -18.05 15.51
C VAL A 68 -19.87 -19.06 14.48
N ALA A 69 -20.90 -19.83 14.82
CA ALA A 69 -21.42 -20.83 13.90
C ALA A 69 -21.92 -20.15 12.64
N GLU A 70 -22.52 -18.97 12.79
CA GLU A 70 -23.04 -18.23 11.64
C GLU A 70 -21.87 -17.72 10.81
N ALA A 71 -20.84 -17.22 11.49
CA ALA A 71 -19.65 -16.70 10.80
C ALA A 71 -19.06 -17.79 9.92
N GLU A 72 -19.02 -19.01 10.42
CA GLU A 72 -18.47 -20.13 9.66
C GLU A 72 -19.27 -20.37 8.39
N ARG A 73 -20.60 -20.33 8.50
CA ARG A 73 -21.43 -20.55 7.33
C ARG A 73 -21.27 -19.41 6.33
N GLU A 74 -21.21 -18.17 6.82
CA GLU A 74 -21.02 -17.05 5.92
C GLU A 74 -19.66 -17.15 5.21
N ALA A 75 -18.63 -17.56 5.95
CA ALA A 75 -17.30 -17.70 5.36
C ALA A 75 -17.26 -18.74 4.26
N GLN A 76 -17.96 -19.87 4.46
CA GLN A 76 -17.95 -20.91 3.45
C GLN A 76 -18.70 -20.52 2.19
N PHE A 77 -19.80 -19.80 2.36
CA PHE A 77 -20.60 -19.32 1.23
C PHE A 77 -19.70 -18.38 0.42
N PHE A 78 -18.98 -17.52 1.12
CA PHE A 78 -18.07 -16.55 0.50
C PHE A 78 -17.00 -17.30 -0.30
N LEU A 79 -16.29 -18.21 0.38
CA LEU A 79 -15.27 -19.02 -0.26
C LEU A 79 -15.80 -19.76 -1.48
N ASP A 80 -16.95 -20.42 -1.32
CA ASP A 80 -17.54 -21.19 -2.41
C ASP A 80 -17.82 -20.33 -3.64
N ASN A 81 -17.78 -19.01 -3.49
CA ASN A 81 -18.05 -18.13 -4.62
C ASN A 81 -16.92 -17.24 -5.12
N VAL A 82 -15.70 -17.48 -4.64
CA VAL A 82 -14.54 -16.74 -5.11
C VAL A 82 -14.34 -17.22 -6.55
N PRO A 83 -14.42 -16.30 -7.53
CA PRO A 83 -14.27 -16.64 -8.95
C PRO A 83 -12.85 -16.86 -9.48
N MET A 84 -11.86 -16.31 -8.81
CA MET A 84 -10.48 -16.47 -9.26
C MET A 84 -9.52 -16.32 -8.09
N GLN A 85 -8.31 -16.83 -8.25
CA GLN A 85 -7.32 -16.75 -7.20
C GLN A 85 -6.82 -15.32 -7.05
N VAL A 86 -6.81 -14.82 -5.82
CA VAL A 86 -6.33 -13.49 -5.49
C VAL A 86 -5.64 -13.65 -4.15
N LYS A 87 -4.79 -12.70 -3.77
CA LYS A 87 -4.08 -12.79 -2.49
C LYS A 87 -4.95 -12.57 -1.27
N TYR A 88 -5.91 -11.66 -1.36
CA TYR A 88 -6.74 -11.31 -0.23
C TYR A 88 -8.25 -11.55 -0.33
N LEU A 89 -8.84 -11.92 0.80
CA LEU A 89 -10.28 -12.09 0.91
C LEU A 89 -10.62 -11.24 2.13
N VAL A 90 -11.58 -10.33 1.96
CA VAL A 90 -11.93 -9.39 3.02
C VAL A 90 -13.23 -9.60 3.79
N LEU A 91 -13.11 -9.45 5.11
CA LEU A 91 -14.25 -9.54 6.01
C LEU A 91 -14.70 -8.12 6.30
N ASP A 92 -15.83 -7.73 5.70
CA ASP A 92 -16.38 -6.40 5.88
C ASP A 92 -17.31 -6.47 7.09
N TYR A 93 -16.83 -6.02 8.24
CA TYR A 93 -17.59 -6.06 9.49
C TYR A 93 -17.90 -4.63 9.92
N GLN A 94 -19.09 -4.14 9.57
CA GLN A 94 -19.43 -2.77 9.91
C GLN A 94 -20.87 -2.57 10.30
N ASP A 95 -21.61 -3.66 10.52
CA ASP A 95 -23.00 -3.53 10.88
C ASP A 95 -23.49 -4.77 11.62
N ASP A 96 -24.64 -4.65 12.26
CA ASP A 96 -25.24 -5.75 13.01
C ASP A 96 -24.33 -6.41 14.05
N PRO A 97 -23.64 -5.61 14.87
CA PRO A 97 -22.78 -6.26 15.86
C PRO A 97 -23.64 -6.72 17.03
N SER A 98 -23.21 -7.76 17.74
CA SER A 98 -23.97 -8.23 18.89
C SER A 98 -23.51 -7.37 20.07
N GLY A 99 -24.24 -7.45 21.19
CA GLY A 99 -23.88 -6.66 22.36
C GLY A 99 -22.63 -7.14 23.08
N ASP A 100 -22.18 -8.35 22.73
CA ASP A 100 -21.00 -8.95 23.34
C ASP A 100 -19.78 -8.72 22.45
N ALA A 101 -18.94 -7.76 22.82
CA ALA A 101 -17.74 -7.43 22.04
C ALA A 101 -16.80 -8.61 21.83
N GLN A 102 -16.71 -9.51 22.82
CA GLN A 102 -15.82 -10.65 22.69
C GLN A 102 -16.41 -11.67 21.73
N ALA A 103 -17.73 -11.82 21.77
CA ALA A 103 -18.41 -12.76 20.89
C ALA A 103 -18.15 -12.29 19.47
N ASN A 104 -18.32 -10.99 19.24
CA ASN A 104 -18.09 -10.38 17.93
C ASN A 104 -16.68 -10.69 17.44
N THR A 105 -15.71 -10.51 18.33
CA THR A 105 -14.31 -10.76 18.01
C THR A 105 -14.06 -12.23 17.64
N ASN A 106 -14.60 -13.14 18.45
CA ASN A 106 -14.42 -14.57 18.19
C ASN A 106 -15.02 -14.96 16.84
N ALA A 107 -16.18 -14.40 16.51
CA ALA A 107 -16.81 -14.70 15.24
C ALA A 107 -15.95 -14.17 14.09
N CYS A 108 -15.39 -12.97 14.26
CA CYS A 108 -14.54 -12.39 13.23
C CYS A 108 -13.28 -13.24 13.07
N LEU A 109 -12.70 -13.68 14.19
CA LEU A 109 -11.50 -14.50 14.15
C LEU A 109 -11.75 -15.83 13.43
N ARG A 110 -12.89 -16.45 13.69
CA ARG A 110 -13.21 -17.73 13.06
C ARG A 110 -13.37 -17.55 11.55
N PHE A 111 -14.01 -16.45 11.15
CA PHE A 111 -14.21 -16.13 9.74
C PHE A 111 -12.84 -15.98 9.08
N MET A 112 -11.98 -15.18 9.70
CA MET A 112 -10.64 -14.94 9.17
C MET A 112 -9.78 -16.19 9.17
N GLN A 113 -9.95 -17.05 10.17
CA GLN A 113 -9.16 -18.28 10.25
C GLN A 113 -9.54 -19.20 9.10
N MET A 114 -10.83 -19.22 8.74
CA MET A 114 -11.28 -20.06 7.65
C MET A 114 -10.71 -19.58 6.33
N ILE A 115 -10.62 -18.27 6.15
CA ILE A 115 -10.05 -17.70 4.93
C ILE A 115 -8.59 -18.12 4.83
N ALA A 116 -7.88 -18.01 5.95
CA ALA A 116 -6.46 -18.37 5.99
C ALA A 116 -6.27 -19.84 5.63
N ASP A 117 -7.02 -20.71 6.31
CA ASP A 117 -6.94 -22.15 6.05
C ASP A 117 -7.23 -22.47 4.59
N ALA A 118 -8.04 -21.63 3.93
CA ALA A 118 -8.39 -21.84 2.54
C ALA A 118 -7.25 -21.42 1.60
N GLY A 119 -6.20 -20.85 2.17
CA GLY A 119 -5.07 -20.43 1.36
C GLY A 119 -5.04 -18.98 0.92
N TYR A 120 -5.77 -18.12 1.61
CA TYR A 120 -5.78 -16.69 1.27
C TYR A 120 -5.32 -15.89 2.49
N LYS A 121 -5.02 -14.62 2.26
CA LYS A 121 -4.61 -13.72 3.33
C LYS A 121 -5.88 -13.01 3.81
N PRO A 122 -6.26 -13.21 5.09
CA PRO A 122 -7.46 -12.56 5.63
C PRO A 122 -7.26 -11.07 5.93
N ILE A 123 -8.32 -10.30 5.75
CA ILE A 123 -8.30 -8.86 5.99
C ILE A 123 -9.58 -8.46 6.74
N TYR A 124 -9.43 -7.67 7.79
CA TYR A 124 -10.57 -7.18 8.56
C TYR A 124 -10.81 -5.74 8.09
N TYR A 125 -12.02 -5.45 7.60
CA TYR A 125 -12.36 -4.10 7.14
C TYR A 125 -13.44 -3.51 8.05
N SER A 126 -13.32 -2.22 8.35
CA SER A 126 -14.28 -1.53 9.20
C SER A 126 -13.81 -0.09 9.43
N TYR A 127 -14.52 0.64 10.29
CA TYR A 127 -14.10 2.00 10.62
C TYR A 127 -13.77 2.03 12.11
N LYS A 128 -12.92 2.98 12.50
CA LYS A 128 -12.45 3.07 13.89
C LYS A 128 -13.46 3.00 15.03
N PRO A 129 -14.36 3.99 15.14
CA PRO A 129 -15.32 3.91 16.24
C PRO A 129 -16.12 2.60 16.32
N PHE A 130 -16.53 2.07 15.17
CA PHE A 130 -17.28 0.82 15.16
C PHE A 130 -16.43 -0.28 15.76
N THR A 131 -15.18 -0.35 15.31
CA THR A 131 -14.24 -1.36 15.78
C THR A 131 -13.98 -1.16 17.28
N HIS A 132 -13.83 0.08 17.69
CA HIS A 132 -13.59 0.39 19.10
C HIS A 132 -14.73 -0.13 19.97
N ASP A 133 -15.96 0.16 19.56
CA ASP A 133 -17.14 -0.25 20.32
C ASP A 133 -17.60 -1.70 20.19
N ASN A 134 -17.25 -2.37 19.10
CA ASN A 134 -17.75 -3.73 18.91
C ASN A 134 -16.81 -4.93 18.92
N VAL A 135 -15.50 -4.70 18.84
CA VAL A 135 -14.56 -5.82 18.87
C VAL A 135 -13.27 -5.41 19.55
N ASP A 136 -12.38 -6.39 19.75
CA ASP A 136 -11.07 -6.13 20.34
C ASP A 136 -10.13 -6.36 19.16
N TYR A 137 -9.87 -5.30 18.39
CA TYR A 137 -9.03 -5.46 17.22
C TYR A 137 -7.62 -5.93 17.55
N GLN A 138 -7.16 -5.66 18.76
CA GLN A 138 -5.83 -6.11 19.16
C GLN A 138 -5.78 -7.63 19.14
N GLN A 139 -6.93 -8.26 19.45
CA GLN A 139 -7.02 -9.72 19.44
C GLN A 139 -7.00 -10.22 18.00
N ILE A 140 -7.52 -9.39 17.09
CA ILE A 140 -7.54 -9.77 15.68
C ILE A 140 -6.13 -9.66 15.14
N LEU A 141 -5.45 -8.55 15.43
CA LEU A 141 -4.09 -8.36 14.97
C LEU A 141 -3.15 -9.41 15.56
N ALA A 142 -3.46 -9.83 16.79
CA ALA A 142 -2.66 -10.86 17.45
C ALA A 142 -2.59 -12.12 16.60
N GLN A 143 -3.74 -12.56 16.10
CA GLN A 143 -3.84 -13.74 15.26
C GLN A 143 -3.44 -13.43 13.82
N PHE A 144 -3.83 -12.26 13.34
CA PHE A 144 -3.53 -11.85 11.98
C PHE A 144 -2.89 -10.46 11.97
N PRO A 145 -1.55 -10.43 11.99
CA PRO A 145 -0.81 -9.16 11.98
C PRO A 145 -1.00 -8.35 10.72
N ASN A 146 -0.98 -7.03 10.85
CA ASN A 146 -1.14 -6.12 9.72
C ASN A 146 -2.23 -6.55 8.75
N SER A 147 -3.41 -6.83 9.28
CA SER A 147 -4.53 -7.28 8.47
C SER A 147 -5.70 -6.29 8.42
N LEU A 148 -5.48 -5.06 8.85
CA LEU A 148 -6.58 -4.10 8.85
C LEU A 148 -6.72 -3.23 7.61
N TRP A 149 -7.98 -3.04 7.20
CA TRP A 149 -8.34 -2.19 6.08
C TRP A 149 -9.35 -1.25 6.74
N ILE A 150 -8.91 -0.04 7.07
CA ILE A 150 -9.77 0.90 7.78
C ILE A 150 -10.25 2.11 6.98
N ALA A 151 -11.53 2.44 7.18
CA ALA A 151 -12.16 3.57 6.52
C ALA A 151 -12.14 4.80 7.41
N GLY A 152 -11.75 5.93 6.83
CA GLY A 152 -11.70 7.22 7.53
C GLY A 152 -11.65 8.23 6.40
N TYR A 153 -12.76 8.92 6.16
CA TYR A 153 -12.87 9.86 5.06
C TYR A 153 -12.53 11.32 5.31
N GLY A 154 -12.48 11.74 6.57
CA GLY A 154 -12.20 13.14 6.84
C GLY A 154 -13.34 13.98 6.28
N LEU A 155 -13.02 14.96 5.45
CA LEU A 155 -14.03 15.83 4.83
C LEU A 155 -14.74 15.09 3.70
N ASN A 156 -14.18 13.94 3.32
CA ASN A 156 -14.75 13.11 2.25
C ASN A 156 -14.93 13.90 0.97
N ASP A 157 -13.88 14.62 0.56
CA ASP A 157 -13.92 15.42 -0.66
C ASP A 157 -13.30 14.68 -1.85
N GLY A 158 -13.11 13.37 -1.69
CA GLY A 158 -12.55 12.59 -2.77
C GLY A 158 -11.03 12.47 -2.82
N THR A 159 -10.33 13.15 -1.92
CA THR A 159 -8.87 13.09 -1.89
C THR A 159 -8.38 12.59 -0.54
N ALA A 160 -7.15 12.07 -0.52
CA ALA A 160 -6.57 11.56 0.71
C ALA A 160 -5.95 12.69 1.51
N ASN A 161 -6.54 12.99 2.66
CA ASN A 161 -6.05 14.05 3.53
C ASN A 161 -5.52 13.42 4.80
N PHE A 162 -4.19 13.42 4.93
CA PHE A 162 -3.51 12.81 6.06
C PHE A 162 -3.96 13.29 7.43
N GLU A 163 -4.47 14.52 7.48
CA GLU A 163 -4.93 15.09 8.74
C GLU A 163 -5.94 14.15 9.43
N TYR A 164 -6.70 13.42 8.62
CA TYR A 164 -7.70 12.50 9.17
C TYR A 164 -7.33 11.03 9.02
N PHE A 165 -6.05 10.74 8.96
CA PHE A 165 -5.58 9.37 8.84
C PHE A 165 -5.96 8.62 10.12
N PRO A 166 -6.69 7.50 9.99
CA PRO A 166 -7.08 6.74 11.18
C PRO A 166 -5.87 6.32 12.00
N SER A 167 -5.94 6.47 13.31
CA SER A 167 -4.83 6.06 14.15
C SER A 167 -5.14 4.72 14.78
N MET A 168 -4.58 3.67 14.19
CA MET A 168 -4.76 2.31 14.67
C MET A 168 -3.54 1.51 14.25
N ASP A 169 -3.23 0.44 14.98
CA ASP A 169 -2.09 -0.39 14.65
C ASP A 169 -2.50 -1.39 13.57
N GLY A 170 -1.51 -1.92 12.87
CA GLY A 170 -1.74 -2.93 11.85
C GLY A 170 -2.55 -2.59 10.61
N ILE A 171 -2.67 -1.31 10.28
CA ILE A 171 -3.43 -0.92 9.10
C ILE A 171 -2.64 -1.22 7.84
N ARG A 172 -3.22 -2.03 6.95
CA ARG A 172 -2.57 -2.38 5.70
C ARG A 172 -3.05 -1.48 4.55
N TRP A 173 -4.34 -1.18 4.55
CA TRP A 173 -4.93 -0.31 3.51
C TRP A 173 -5.81 0.75 4.17
N TRP A 174 -6.00 1.86 3.47
CA TRP A 174 -6.81 2.96 3.98
C TRP A 174 -7.83 3.44 2.95
N GLN A 175 -9.10 3.28 3.27
CA GLN A 175 -10.18 3.73 2.40
C GLN A 175 -10.35 5.18 2.81
N TYR A 176 -9.75 6.09 2.04
CA TYR A 176 -9.77 7.51 2.35
C TYR A 176 -10.96 8.35 1.88
N SER A 177 -11.86 7.77 1.09
CA SER A 177 -13.03 8.51 0.63
C SER A 177 -14.02 7.61 -0.09
N SER A 178 -15.28 8.03 -0.10
CA SER A 178 -16.34 7.30 -0.79
C SER A 178 -16.93 8.25 -1.83
N ASN A 179 -16.25 9.38 -2.02
CA ASN A 179 -16.70 10.40 -2.96
C ASN A 179 -15.89 10.48 -4.26
N PRO A 180 -16.48 10.09 -5.40
CA PRO A 180 -17.84 9.60 -5.67
C PRO A 180 -17.98 8.09 -5.46
N PHE A 181 -16.85 7.39 -5.37
CA PHE A 181 -16.82 5.95 -5.17
C PHE A 181 -15.74 5.66 -4.12
N ASP A 182 -15.65 4.40 -3.68
CA ASP A 182 -14.68 4.03 -2.67
C ASP A 182 -13.24 4.08 -3.15
N LYS A 183 -12.44 4.91 -2.50
CA LYS A 183 -11.03 5.08 -2.84
C LYS A 183 -10.12 4.56 -1.75
N ASN A 184 -9.05 3.89 -2.13
CA ASN A 184 -8.13 3.30 -1.17
C ASN A 184 -6.66 3.49 -1.54
N ILE A 185 -5.82 3.63 -0.52
CA ILE A 185 -4.40 3.77 -0.72
C ILE A 185 -3.71 2.70 0.15
N VAL A 186 -2.64 2.13 -0.38
CA VAL A 186 -1.91 1.07 0.32
C VAL A 186 -0.83 1.59 1.28
N LEU A 187 -0.87 1.09 2.51
CA LEU A 187 0.09 1.49 3.53
C LEU A 187 1.29 0.56 3.68
N LEU A 188 1.10 -0.70 3.30
CA LEU A 188 2.18 -1.69 3.40
C LEU A 188 2.29 -2.55 2.16
N ASP A 189 3.53 -2.92 1.80
CA ASP A 189 3.76 -3.77 0.65
C ASP A 189 3.16 -5.13 1.00
N ASP A 190 2.82 -5.92 -0.03
CA ASP A 190 2.30 -7.25 0.21
C ASP A 190 3.46 -8.08 0.76
N GLU A 191 3.15 -9.09 1.57
CA GLU A 191 4.18 -9.96 2.15
C GLU A 191 4.76 -10.85 1.05
N GLU A 192 6.02 -11.24 1.19
CA GLU A 192 6.67 -12.10 0.21
C GLU A 192 7.28 -13.33 0.87
N ASP A 193 6.58 -13.86 1.87
CA ASP A 193 7.03 -15.03 2.63
C ASP A 193 7.67 -16.12 1.77
N ASP A 194 8.99 -16.04 1.60
CA ASP A 194 9.73 -17.01 0.81
C ASP A 194 11.22 -16.98 1.16
N LYS A 195 11.97 -17.96 0.67
CA LYS A 195 13.40 -18.04 0.91
C LYS A 195 14.15 -17.65 -0.36
N PRO A 196 14.67 -16.41 -0.42
CA PRO A 196 15.41 -15.93 -1.60
C PRO A 196 16.52 -16.90 -1.99
N LYS A 197 16.67 -17.13 -3.29
CA LYS A 197 17.67 -18.07 -3.77
C LYS A 197 19.12 -17.58 -3.70
N THR A 198 19.39 -16.38 -4.22
CA THR A 198 20.75 -15.83 -4.20
C THR A 198 21.69 -16.78 -4.95
N ALA A 199 21.64 -16.73 -6.28
CA ALA A 199 22.45 -17.58 -7.12
C ALA A 199 23.93 -17.20 -7.17
N GLY A 200 24.59 -17.23 -6.02
CA GLY A 200 26.01 -16.88 -5.95
C GLY A 200 26.45 -16.49 -4.56
N THR A 201 27.59 -15.82 -4.44
CA THR A 201 28.11 -15.41 -3.14
C THR A 201 28.69 -13.99 -3.16
N TRP A 202 28.31 -13.18 -2.18
CA TRP A 202 28.83 -11.82 -2.10
C TRP A 202 30.26 -11.84 -1.59
N LYS A 203 31.11 -11.02 -2.22
CA LYS A 203 32.51 -10.94 -1.82
C LYS A 203 32.85 -9.47 -1.59
N GLN A 204 33.58 -9.20 -0.52
CA GLN A 204 33.97 -7.84 -0.19
C GLN A 204 35.49 -7.69 -0.24
N ASP A 205 35.99 -6.76 -1.04
CA ASP A 205 37.43 -6.55 -1.12
C ASP A 205 37.76 -5.10 -0.80
N SER A 206 39.01 -4.71 -1.00
CA SER A 206 39.44 -3.36 -0.72
C SER A 206 38.63 -2.29 -1.45
N LYS A 207 38.15 -2.60 -2.65
CA LYS A 207 37.38 -1.64 -3.44
C LYS A 207 35.90 -1.57 -3.08
N GLY A 208 35.29 -2.71 -2.82
CA GLY A 208 33.87 -2.72 -2.48
C GLY A 208 33.29 -4.13 -2.58
N TRP A 209 31.99 -4.22 -2.84
CA TRP A 209 31.33 -5.52 -2.95
C TRP A 209 31.09 -5.95 -4.39
N TRP A 210 31.41 -7.20 -4.69
CA TRP A 210 31.15 -7.75 -6.01
C TRP A 210 30.42 -9.07 -5.79
N PHE A 211 29.72 -9.55 -6.82
CA PHE A 211 28.96 -10.78 -6.69
C PHE A 211 29.48 -11.93 -7.54
N ARG A 212 29.95 -12.99 -6.89
CA ARG A 212 30.44 -14.15 -7.61
C ARG A 212 29.25 -15.06 -7.90
N ARG A 213 28.79 -15.06 -9.14
CA ARG A 213 27.66 -15.91 -9.52
C ARG A 213 28.08 -17.36 -9.37
N ASN A 214 27.11 -18.28 -9.36
CA ASN A 214 27.42 -19.69 -9.22
C ASN A 214 28.43 -20.18 -10.26
N ASN A 215 28.33 -19.69 -11.50
CA ASN A 215 29.24 -20.13 -12.55
C ASN A 215 30.62 -19.46 -12.48
N GLY A 216 30.86 -18.66 -11.45
CA GLY A 216 32.16 -18.02 -11.30
C GLY A 216 32.33 -16.63 -11.91
N SER A 217 31.39 -16.21 -12.75
CA SER A 217 31.47 -14.88 -13.34
C SER A 217 30.87 -13.87 -12.35
N PHE A 218 30.80 -12.61 -12.76
CA PHE A 218 30.24 -11.57 -11.89
C PHE A 218 29.65 -10.45 -12.74
N PRO A 219 28.58 -9.81 -12.25
CA PRO A 219 27.96 -8.74 -13.01
C PRO A 219 28.79 -7.47 -13.01
N TYR A 220 28.81 -6.79 -14.15
CA TYR A 220 29.52 -5.53 -14.32
C TYR A 220 28.81 -4.74 -15.42
N ASN A 221 28.78 -3.42 -15.28
CA ASN A 221 28.10 -2.55 -16.23
C ASN A 221 26.64 -2.99 -16.43
N LYS A 222 25.96 -3.32 -15.34
CA LYS A 222 24.58 -3.77 -15.48
C LYS A 222 23.81 -3.84 -14.19
N TRP A 223 22.49 -3.91 -14.34
CA TRP A 223 21.58 -4.07 -13.22
C TRP A 223 21.46 -5.58 -13.10
N GLU A 224 21.32 -6.07 -11.88
CA GLU A 224 21.14 -7.50 -11.67
C GLU A 224 20.43 -7.72 -10.36
N LYS A 225 19.35 -8.50 -10.40
CA LYS A 225 18.59 -8.77 -9.19
C LYS A 225 19.21 -9.98 -8.48
N ILE A 226 19.58 -9.76 -7.22
CA ILE A 226 20.19 -10.78 -6.39
C ILE A 226 19.39 -10.91 -5.11
N GLY A 227 18.95 -12.12 -4.81
CA GLY A 227 18.16 -12.32 -3.61
C GLY A 227 16.90 -11.48 -3.66
N GLY A 228 16.38 -11.27 -4.87
CA GLY A 228 15.16 -10.50 -5.04
C GLY A 228 15.34 -8.99 -4.93
N VAL A 229 16.58 -8.53 -4.96
CA VAL A 229 16.87 -7.10 -4.86
C VAL A 229 17.71 -6.61 -6.03
N TRP A 230 17.38 -5.44 -6.54
CA TRP A 230 18.13 -4.88 -7.65
C TRP A 230 19.35 -4.10 -7.18
N TYR A 231 20.47 -4.32 -7.85
CA TYR A 231 21.72 -3.64 -7.56
C TYR A 231 22.29 -3.25 -8.92
N TYR A 232 23.15 -2.24 -8.93
CA TYR A 232 23.79 -1.86 -10.19
C TYR A 232 25.29 -1.99 -9.99
N PHE A 233 25.95 -2.69 -10.91
CA PHE A 233 27.39 -2.91 -10.84
C PHE A 233 28.12 -2.08 -11.88
N ASP A 234 29.17 -1.38 -11.46
CA ASP A 234 29.94 -0.56 -12.39
C ASP A 234 30.80 -1.41 -13.32
N SER A 235 31.62 -0.73 -14.13
CA SER A 235 32.47 -1.40 -15.11
C SER A 235 33.45 -2.41 -14.52
N LYS A 236 33.85 -2.22 -13.27
CA LYS A 236 34.79 -3.13 -12.63
C LYS A 236 34.13 -4.20 -11.77
N GLY A 237 32.81 -4.29 -11.83
CA GLY A 237 32.10 -5.30 -11.06
C GLY A 237 31.70 -4.97 -9.63
N TYR A 238 31.84 -3.72 -9.21
CA TYR A 238 31.46 -3.36 -7.84
C TYR A 238 30.09 -2.69 -7.84
N CYS A 239 29.22 -3.13 -6.94
CA CYS A 239 27.89 -2.52 -6.88
C CYS A 239 27.99 -1.12 -6.33
N LEU A 240 27.22 -0.20 -6.92
CA LEU A 240 27.22 1.17 -6.46
C LEU A 240 26.53 1.26 -5.11
N THR A 241 27.00 2.17 -4.27
CA THR A 241 26.39 2.39 -2.95
C THR A 241 26.33 3.90 -2.71
N SER A 242 25.20 4.36 -2.18
CA SER A 242 24.99 5.77 -1.89
C SER A 242 25.31 6.61 -3.12
N GLU A 243 24.77 6.23 -4.26
CA GLU A 243 25.07 6.94 -5.49
C GLU A 243 23.88 7.08 -6.45
N TRP A 244 23.82 8.22 -7.12
CA TRP A 244 22.79 8.50 -8.11
C TRP A 244 23.23 7.85 -9.41
N LEU A 245 22.28 7.29 -10.16
CA LEU A 245 22.61 6.67 -11.43
C LEU A 245 21.59 7.03 -12.50
N LYS A 246 22.05 7.52 -13.64
CA LYS A 246 21.14 7.86 -14.72
C LYS A 246 21.10 6.69 -15.66
N ASP A 247 19.94 6.09 -15.83
CA ASP A 247 19.83 4.96 -16.74
C ASP A 247 18.60 5.07 -17.62
N ASN A 248 18.83 5.16 -18.92
CA ASN A 248 17.74 5.29 -19.88
C ASN A 248 16.86 6.50 -19.60
N GLU A 249 17.51 7.66 -19.48
CA GLU A 249 16.83 8.93 -19.22
C GLU A 249 16.14 9.05 -17.86
N LYS A 250 16.25 8.03 -17.02
CA LYS A 250 15.64 8.07 -15.70
C LYS A 250 16.71 8.05 -14.61
N TRP A 251 16.38 8.60 -13.44
CA TRP A 251 17.34 8.63 -12.34
C TRP A 251 17.01 7.63 -11.24
N TYR A 252 18.04 6.87 -10.84
CA TYR A 252 17.88 5.88 -9.78
C TYR A 252 18.88 6.19 -8.68
N TYR A 253 18.61 5.69 -7.48
CA TYR A 253 19.51 5.90 -6.36
C TYR A 253 19.82 4.59 -5.68
N LEU A 254 21.10 4.21 -5.67
CA LEU A 254 21.53 2.99 -5.02
C LEU A 254 21.86 3.38 -3.58
N LYS A 255 21.18 2.74 -2.63
CA LYS A 255 21.35 3.01 -1.20
C LYS A 255 22.67 2.52 -0.61
N ASP A 256 22.96 2.94 0.62
CA ASP A 256 24.20 2.56 1.29
C ASP A 256 24.46 1.05 1.29
N ASN A 257 23.41 0.24 1.10
CA ASN A 257 23.58 -1.19 1.07
C ASN A 257 23.56 -1.73 -0.36
N GLY A 258 23.62 -0.81 -1.32
CA GLY A 258 23.62 -1.19 -2.72
C GLY A 258 22.26 -1.41 -3.37
N ALA A 259 21.25 -1.67 -2.54
CA ALA A 259 19.90 -1.92 -3.06
C ALA A 259 19.29 -0.69 -3.71
N MET A 260 18.62 -0.91 -4.84
CA MET A 260 17.96 0.17 -5.58
C MET A 260 16.84 0.74 -4.72
N ALA A 261 16.84 2.04 -4.51
CA ALA A 261 15.81 2.68 -3.70
C ALA A 261 14.46 2.67 -4.40
N THR A 262 13.42 2.42 -3.62
CA THR A 262 12.06 2.41 -4.12
C THR A 262 11.28 3.16 -3.03
N GLY A 263 10.37 4.04 -3.44
CA GLY A 263 9.63 4.82 -2.45
C GLY A 263 10.49 5.97 -1.95
N TRP A 264 10.15 6.54 -0.80
CA TRP A 264 10.94 7.64 -0.25
C TRP A 264 12.30 7.13 0.18
N VAL A 265 13.32 7.95 -0.04
CA VAL A 265 14.68 7.59 0.33
C VAL A 265 15.40 8.84 0.77
N LEU A 266 16.17 8.72 1.85
CA LEU A 266 16.92 9.85 2.39
C LEU A 266 18.32 9.87 1.78
N VAL A 267 18.63 10.93 1.03
CA VAL A 267 19.94 11.07 0.41
C VAL A 267 20.62 12.22 1.13
N GLY A 268 21.54 11.88 2.04
CA GLY A 268 22.22 12.91 2.81
C GLY A 268 21.19 13.37 3.82
N SER A 269 20.72 14.60 3.67
CA SER A 269 19.70 15.13 4.58
C SER A 269 18.43 15.45 3.80
N GLU A 270 18.42 15.11 2.52
CA GLU A 270 17.29 15.41 1.65
C GLU A 270 16.44 14.20 1.31
N TRP A 271 15.15 14.46 1.08
CA TRP A 271 14.22 13.40 0.73
C TRP A 271 13.88 13.37 -0.75
N TYR A 272 13.94 12.19 -1.33
CA TYR A 272 13.60 12.00 -2.73
C TYR A 272 12.63 10.83 -2.79
N TYR A 273 11.82 10.80 -3.83
CA TYR A 273 10.83 9.74 -3.97
C TYR A 273 11.01 9.00 -5.29
N MET A 274 11.17 7.67 -5.20
CA MET A 274 11.35 6.83 -6.38
C MET A 274 10.08 5.99 -6.58
N ASP A 275 9.67 5.75 -7.82
CA ASP A 275 8.49 4.92 -8.04
C ASP A 275 8.88 3.46 -7.78
N ASP A 276 7.91 2.56 -7.86
CA ASP A 276 8.19 1.15 -7.60
C ASP A 276 9.19 0.51 -8.56
N SER A 277 9.51 1.23 -9.64
CA SER A 277 10.47 0.76 -10.63
C SER A 277 11.84 1.31 -10.26
N GLY A 278 11.89 2.10 -9.21
CA GLY A 278 13.15 2.70 -8.77
C GLY A 278 13.47 4.04 -9.42
N ALA A 279 12.65 4.45 -10.39
CA ALA A 279 12.86 5.70 -11.10
C ALA A 279 12.32 6.90 -10.32
N MET A 280 13.15 7.93 -10.21
CA MET A 280 12.79 9.14 -9.48
C MET A 280 11.52 9.81 -9.99
N VAL A 281 10.74 10.34 -9.05
CA VAL A 281 9.52 11.06 -9.39
C VAL A 281 9.81 12.54 -9.19
N THR A 282 9.54 13.36 -10.20
CA THR A 282 9.76 14.79 -10.10
C THR A 282 8.45 15.53 -9.83
N GLY A 283 8.54 16.82 -9.49
CA GLY A 283 7.35 17.60 -9.21
C GLY A 283 6.90 17.54 -7.77
N TRP A 284 5.62 17.85 -7.54
CA TRP A 284 5.07 17.84 -6.19
C TRP A 284 4.71 16.45 -5.70
N VAL A 285 5.25 16.08 -4.54
CA VAL A 285 4.95 14.80 -3.93
C VAL A 285 4.79 15.07 -2.44
N LYS A 286 3.68 14.62 -1.89
CA LYS A 286 3.41 14.82 -0.49
C LYS A 286 3.70 13.56 0.31
N TYR A 287 4.37 13.73 1.44
CA TYR A 287 4.68 12.62 2.33
C TYR A 287 3.98 12.91 3.63
N LYS A 288 2.86 12.22 3.88
CA LYS A 288 2.07 12.42 5.08
C LYS A 288 1.58 13.88 5.12
N ASN A 289 2.13 14.72 6.00
CA ASN A 289 1.67 16.11 6.03
C ASN A 289 2.54 17.12 5.30
N ASN A 290 3.78 16.75 4.98
CA ASN A 290 4.70 17.66 4.31
C ASN A 290 4.76 17.53 2.79
N TRP A 291 5.00 18.65 2.12
CA TRP A 291 5.08 18.70 0.66
C TRP A 291 6.51 18.91 0.16
N TYR A 292 6.84 18.24 -0.94
CA TYR A 292 8.16 18.34 -1.55
C TYR A 292 8.07 18.58 -3.04
N TYR A 293 8.83 19.53 -3.55
CA TYR A 293 8.87 19.78 -4.98
C TYR A 293 10.28 19.36 -5.38
N MET A 294 10.38 18.26 -6.10
CA MET A 294 11.69 17.72 -6.48
C MET A 294 11.96 17.76 -7.98
N THR A 295 13.18 18.12 -8.34
CA THR A 295 13.58 18.19 -9.75
C THR A 295 14.97 17.57 -9.95
N ASN A 296 15.30 17.25 -11.19
CA ASN A 296 16.61 16.67 -11.50
C ASN A 296 17.18 17.18 -12.81
N GLU A 297 16.73 18.36 -13.21
CA GLU A 297 17.19 19.02 -14.44
C GLU A 297 18.71 19.01 -14.58
N ARG A 298 19.21 18.44 -15.66
CA ARG A 298 20.65 18.38 -15.91
C ARG A 298 21.42 17.65 -14.81
N GLY A 299 20.77 16.72 -14.11
CA GLY A 299 21.45 16.00 -13.06
C GLY A 299 21.64 16.79 -11.78
N ASN A 300 21.00 17.96 -11.71
CA ASN A 300 21.07 18.79 -10.51
C ASN A 300 19.88 18.36 -9.65
N MET A 301 20.15 17.49 -8.67
CA MET A 301 19.10 16.98 -7.80
C MET A 301 18.71 18.03 -6.77
N VAL A 302 17.41 18.34 -6.72
CA VAL A 302 16.90 19.34 -5.80
C VAL A 302 15.63 18.84 -5.11
N SER A 303 15.57 19.01 -3.80
CA SER A 303 14.39 18.60 -3.04
C SER A 303 13.92 19.80 -2.22
N ASN A 304 12.91 20.50 -2.72
CA ASN A 304 12.37 21.67 -2.03
C ASN A 304 11.33 21.21 -1.01
N GLU A 305 11.69 21.36 0.27
CA GLU A 305 10.83 20.93 1.36
C GLU A 305 9.96 22.02 1.97
N PHE A 306 8.67 21.70 2.13
CA PHE A 306 7.71 22.62 2.72
C PHE A 306 7.08 21.90 3.91
N ILE A 307 7.39 22.38 5.12
CA ILE A 307 6.90 21.78 6.36
C ILE A 307 5.57 22.37 6.80
N LYS A 308 4.60 21.49 7.08
CA LYS A 308 3.28 21.94 7.50
C LYS A 308 3.26 22.40 8.96
N SER A 309 2.49 23.45 9.21
CA SER A 309 2.33 23.99 10.55
C SER A 309 1.01 24.74 10.56
N GLY A 310 0.00 24.14 11.19
CA GLY A 310 -1.31 24.76 11.22
C GLY A 310 -1.95 24.58 9.86
N LYS A 311 -2.45 25.67 9.29
CA LYS A 311 -3.10 25.63 7.98
C LYS A 311 -2.14 26.04 6.86
N GLY A 312 -0.86 26.12 7.16
CA GLY A 312 0.10 26.52 6.14
C GLY A 312 1.35 25.66 6.03
N TRP A 313 2.01 25.78 4.88
CA TRP A 313 3.23 25.04 4.62
C TRP A 313 4.38 26.03 4.49
N TYR A 314 5.49 25.72 5.15
CA TYR A 314 6.65 26.60 5.18
C TYR A 314 7.88 26.03 4.49
N PHE A 315 8.41 26.77 3.53
CA PHE A 315 9.59 26.35 2.82
C PHE A 315 10.75 26.31 3.81
N MET A 316 11.56 25.27 3.74
CA MET A 316 12.70 25.18 4.64
C MET A 316 13.97 25.30 3.83
N ASN A 317 14.78 26.31 4.14
CA ASN A 317 16.03 26.48 3.43
C ASN A 317 16.91 25.28 3.80
N THR A 318 17.82 24.91 2.90
CA THR A 318 18.71 23.78 3.16
C THR A 318 19.54 24.04 4.43
N ASN A 319 19.42 25.25 4.97
CA ASN A 319 20.14 25.64 6.18
C ASN A 319 19.25 25.28 7.38
N GLY A 320 18.12 24.65 7.09
CA GLY A 320 17.20 24.24 8.13
C GLY A 320 16.40 25.37 8.74
N GLU A 321 16.31 26.50 8.04
CA GLU A 321 15.57 27.64 8.56
C GLU A 321 14.23 27.83 7.86
N LEU A 322 13.16 27.97 8.64
CA LEU A 322 11.83 28.18 8.11
C LEU A 322 11.48 29.65 8.00
N ALA A 323 10.63 29.98 7.04
CA ALA A 323 10.21 31.37 6.85
C ALA A 323 9.22 31.74 7.95
N ASP A 324 9.12 33.03 8.23
CA ASP A 324 8.22 33.54 9.26
C ASP A 324 6.75 33.26 8.92
N ASN A 325 6.41 33.39 7.65
CA ASN A 325 5.03 33.16 7.21
C ASN A 325 4.98 31.99 6.22
N PRO A 326 3.83 31.32 6.14
CA PRO A 326 3.68 30.19 5.22
C PRO A 326 3.91 30.56 3.76
N SER A 327 4.49 29.62 3.01
CA SER A 327 4.76 29.81 1.59
C SER A 327 3.45 29.61 0.84
N PHE A 328 2.62 28.70 1.35
CA PHE A 328 1.31 28.45 0.76
C PHE A 328 0.34 27.85 1.76
N THR A 329 -0.96 28.03 1.49
CA THR A 329 -2.02 27.50 2.34
C THR A 329 -2.94 26.64 1.48
N LYS A 330 -2.84 26.80 0.16
CA LYS A 330 -3.62 26.00 -0.76
C LYS A 330 -2.66 24.96 -1.32
N GLU A 331 -2.91 23.69 -0.99
CA GLU A 331 -2.03 22.60 -1.43
C GLU A 331 -1.98 22.40 -2.93
N PRO A 332 -0.79 22.07 -3.46
CA PRO A 332 -0.65 21.84 -4.89
C PRO A 332 -1.31 20.48 -5.16
N ASP A 333 -1.75 20.25 -6.40
CA ASP A 333 -2.40 18.98 -6.71
C ASP A 333 -1.37 17.97 -7.21
N GLY A 334 -0.48 17.55 -6.31
CA GLY A 334 0.55 16.59 -6.67
C GLY A 334 0.25 15.18 -6.22
N LEU A 335 1.29 14.35 -6.21
CA LEU A 335 1.16 12.96 -5.80
C LEU A 335 1.11 12.84 -4.28
N ILE A 336 0.08 12.17 -3.77
CA ILE A 336 -0.11 11.99 -2.34
C ILE A 336 0.41 10.63 -1.84
N THR A 337 1.38 10.65 -0.94
CA THR A 337 1.91 9.42 -0.38
C THR A 337 1.66 9.45 1.12
N VAL A 338 1.55 8.27 1.73
CA VAL A 338 1.28 8.18 3.16
C VAL A 338 2.25 7.26 3.87
N ALA A 339 3.22 6.73 3.14
CA ALA A 339 4.20 5.83 3.73
C ALA A 339 5.46 5.75 2.89
C1 MUB B . -18.83 7.84 12.07
C2 MUB B . -17.66 7.31 11.23
C3 MUB B . -18.12 7.19 9.78
C4 MUB B . -19.34 6.27 9.69
C5 MUB B . -20.45 6.84 10.55
C6 MUB B . -21.68 5.93 10.53
C7 MUB B . -15.26 7.79 11.54
C8 MUB B . -14.17 8.86 11.66
C9 MUB B . -16.47 7.10 7.70
C10 MUB B . -15.87 8.45 7.84
C11 MUB B . -15.56 6.03 7.09
O1 MUB B . -19.19 9.15 11.66
O3 MUB B . -17.02 6.66 8.97
O4 MUB B . -19.78 6.18 8.32
O5 MUB B . -19.99 6.97 11.94
O6 MUB B . -22.72 6.46 11.35
O7 MUB B . -14.95 6.60 11.58
O10 MUB B . -14.72 8.61 8.31
N2 MUB B . -16.51 8.22 11.37
C1 NAG B . -19.91 4.93 7.72
C2 NAG B . -20.73 5.12 6.43
C3 NAG B . -20.74 3.78 5.68
C4 NAG B . -19.32 3.35 5.38
C5 NAG B . -18.56 3.20 6.69
C6 NAG B . -17.11 2.81 6.50
C7 NAG B . -22.50 6.69 6.94
C8 NAG B . -23.95 6.88 7.38
N2 NAG B . -22.09 5.43 6.78
O3 NAG B . -21.44 3.94 4.46
O4 NAG B . -19.35 2.10 4.70
O5 NAG B . -18.57 4.48 7.40
O6 NAG B . -16.97 1.40 6.58
O7 NAG B . -21.78 7.67 6.75
C FMT C . -24.38 -5.40 -2.88
O1 FMT C . -24.43 -4.50 -1.97
O2 FMT C . -23.62 -5.46 -3.91
N ALA D . -16.70 9.42 7.41
CA ALA D . -16.37 10.84 7.41
C ALA D . -16.30 11.44 8.81
O ALA D . -16.91 10.92 9.75
CB ALA D . -17.38 11.62 6.58
N DGN E . -15.60 12.58 8.91
CA DGN E . -15.51 13.32 10.16
C DGN E . -14.23 12.99 10.92
O DGN E . -13.14 12.98 10.31
OXT DGN E . -14.35 12.74 12.12
CB DGN E . -15.64 14.83 9.95
CG DGN E . -16.93 15.16 9.22
CD DGN E . -17.17 16.62 8.95
OE1 DGN E . -17.38 16.95 7.77
NE2 DGN E . -17.11 17.44 9.90
#